data_6Y35
#
_entry.id   6Y35
#
_cell.length_a   51.570
_cell.length_b   75.510
_cell.length_c   142.940
_cell.angle_alpha   90.000
_cell.angle_beta   90.000
_cell.angle_gamma   90.000
#
_symmetry.space_group_name_H-M   'P 21 21 21'
#
loop_
_entity.id
_entity.type
_entity.pdbx_description
1 polymer 'CCAAT-binding transcription factor subunit HAPB'
2 polymer 'CCAAT-binding factor complex subunit HapC'
3 polymer 'CCAAT-binding factor complex subunit HapE'
4 polymer 'DNA (25-MER)'
5 polymer 'DNA (25-MER)'
6 non-polymer 'SULFITE ION'
7 water water
#
loop_
_entity_poly.entity_id
_entity_poly.type
_entity_poly.pdbx_seq_one_letter_code
_entity_poly.pdbx_strand_id
1 'polypeptide(L)' MESPLYVNAKQFHRILKRRVARQKLEEQLRLTSKGRKPYLHESRHNHAMRRPRGPGGRFLTADE A
2 'polypeptide(L)'
;MKEQDRWLPIANVARIMKLALPENAKIAKEAKECMQECVSEFISFITSEASEKCQQEKRKTVNGEDILFAMTSLGFENYA
EALKIYLSKYRE
;
B
3 'polypeptide(L)'
;MGTWANVNQGLQGTARDILTTYWQHIINHLESDNHDYKIHQLPLARIKKVMKADPEVKMISAEAPILFAKGCDIFITELT
MRAWIHAEDNKRRTLQRSDIAAALSKSDMFDFLIDIVPR
;
C
4 'polydeoxyribonucleotide'
;(DT)(DT)(DC)(DA)(DT)(DC)(DA)(DT)(DG)(DC)(DA)(DT)(DC)(DT)(DG)(DA)(DT)(DT)(DG)(DG)
(DC)(DG)(DG)(DG)(DT)
;
D
5 'polydeoxyribonucleotide'
;(DA)(DA)(DA)(DC)(DC)(DC)(DG)(DC)(DC)(DA)(DA)(DT)(DC)(DA)(DG)(DA)(DT)(DG)(DC)(DA)
(DT)(DG)(DA)(DT)(DG)
;
E
#
# COMPACT_ATOMS: atom_id res chain seq x y z
N TYR A 6 -9.56 7.13 -22.31
CA TYR A 6 -9.26 5.92 -21.48
C TYR A 6 -9.11 6.31 -20.01
N VAL A 7 -10.16 6.04 -19.22
CA VAL A 7 -10.11 6.07 -17.72
C VAL A 7 -10.95 4.89 -17.22
N ASN A 8 -10.48 4.21 -16.18
CA ASN A 8 -11.23 3.12 -15.50
C ASN A 8 -12.55 3.70 -15.00
N ALA A 9 -13.66 3.41 -15.70
CA ALA A 9 -15.01 3.94 -15.42
C ALA A 9 -15.41 3.69 -13.97
N LYS A 10 -14.95 2.56 -13.39
CA LYS A 10 -15.23 2.16 -11.98
C LYS A 10 -14.54 3.12 -11.01
N GLN A 11 -13.42 3.74 -11.41
CA GLN A 11 -12.54 4.54 -10.52
C GLN A 11 -12.65 6.05 -10.79
N PHE A 12 -13.30 6.46 -11.89
CA PHE A 12 -13.34 7.85 -12.39
C PHE A 12 -13.84 8.80 -11.29
N HIS A 13 -15.06 8.58 -10.79
CA HIS A 13 -15.74 9.42 -9.78
C HIS A 13 -14.90 9.50 -8.49
N ARG A 14 -14.34 8.36 -8.05
CA ARG A 14 -13.59 8.26 -6.78
C ARG A 14 -12.21 8.93 -6.91
N ILE A 15 -11.62 8.93 -8.11
CA ILE A 15 -10.29 9.57 -8.39
C ILE A 15 -10.43 11.09 -8.17
N LEU A 16 -11.49 11.69 -8.72
CA LEU A 16 -11.73 13.16 -8.69
C LEU A 16 -12.19 13.57 -7.28
N LYS A 17 -12.89 12.68 -6.58
CA LYS A 17 -13.29 12.89 -5.16
C LYS A 17 -12.02 12.96 -4.30
N ARG A 18 -11.04 12.10 -4.60
CA ARG A 18 -9.74 12.01 -3.88
C ARG A 18 -8.86 13.21 -4.21
N ARG A 19 -8.87 13.66 -5.47
CA ARG A 19 -8.04 14.80 -5.94
C ARG A 19 -8.43 16.07 -5.16
N VAL A 20 -9.74 16.34 -5.05
CA VAL A 20 -10.31 17.48 -4.28
C VAL A 20 -9.94 17.31 -2.81
N ALA A 21 -10.09 16.09 -2.28
CA ALA A 21 -9.83 15.73 -0.86
C ALA A 21 -8.35 15.95 -0.52
N ARG A 22 -7.44 15.57 -1.43
CA ARG A 22 -5.97 15.75 -1.26
C ARG A 22 -5.62 17.24 -1.33
N GLN A 23 -6.37 18.03 -2.10
CA GLN A 23 -6.13 19.49 -2.28
C GLN A 23 -6.44 20.21 -0.96
N LYS A 24 -7.57 19.87 -0.32
CA LYS A 24 -7.96 20.38 1.02
C LYS A 24 -6.84 20.07 2.03
N LEU A 25 -6.31 18.85 1.98
CA LEU A 25 -5.35 18.32 2.99
C LEU A 25 -3.98 19.00 2.82
N GLU A 26 -3.61 19.39 1.59
CA GLU A 26 -2.38 20.19 1.32
C GLU A 26 -2.55 21.60 1.89
N GLU A 27 -3.73 22.20 1.68
CA GLU A 27 -4.12 23.54 2.20
C GLU A 27 -4.04 23.52 3.74
N GLN A 28 -4.53 22.45 4.36
CA GLN A 28 -4.61 22.27 5.83
C GLN A 28 -3.22 22.01 6.41
N LEU A 29 -2.45 21.11 5.78
CA LEU A 29 -1.10 20.68 6.25
C LEU A 29 -0.01 21.61 5.71
N ARG A 30 -0.40 22.71 5.05
CA ARG A 30 0.53 23.74 4.52
C ARG A 30 1.48 24.19 5.64
N LEU A 31 2.79 24.17 5.39
CA LEU A 31 3.84 24.51 6.39
C LEU A 31 5.20 24.63 5.70
N ARG A 36 9.54 15.63 0.33
CA ARG A 36 9.69 15.14 1.74
C ARG A 36 11.03 15.62 2.31
N LYS A 37 11.21 15.47 3.62
CA LYS A 37 12.38 15.99 4.38
C LYS A 37 13.53 15.01 4.24
N PRO A 38 14.79 15.40 4.56
CA PRO A 38 15.91 14.46 4.53
C PRO A 38 15.77 13.41 5.64
N TYR A 39 15.28 13.82 6.81
CA TYR A 39 14.95 12.94 7.97
C TYR A 39 13.68 13.47 8.65
N LEU A 40 12.97 12.58 9.35
CA LEU A 40 11.66 12.88 9.99
C LEU A 40 11.86 13.51 11.38
N HIS A 41 12.77 12.95 12.18
CA HIS A 41 12.95 13.30 13.62
C HIS A 41 14.36 13.86 13.88
N GLU A 42 14.42 14.97 14.63
CA GLU A 42 15.69 15.65 15.02
C GLU A 42 16.47 14.76 15.99
N SER A 43 15.76 14.06 16.88
CA SER A 43 16.36 13.22 17.97
C SER A 43 17.07 11.99 17.35
N ARG A 44 16.44 11.32 16.39
CA ARG A 44 16.98 10.09 15.73
C ARG A 44 18.10 10.46 14.77
N HIS A 45 17.97 11.58 14.05
CA HIS A 45 19.02 12.15 13.17
C HIS A 45 20.31 12.31 13.98
N ASN A 46 20.22 12.97 15.14
CA ASN A 46 21.34 13.25 16.07
C ASN A 46 21.96 11.92 16.54
N HIS A 47 21.12 11.00 16.99
CA HIS A 47 21.52 9.64 17.46
C HIS A 47 22.46 9.02 16.43
N ALA A 48 22.03 8.96 15.15
CA ALA A 48 22.76 8.33 14.04
C ALA A 48 24.09 9.04 13.78
N MET A 49 24.11 10.38 13.79
CA MET A 49 25.32 11.21 13.56
C MET A 49 26.33 10.98 14.69
N ARG A 50 25.85 11.03 15.93
CA ARG A 50 26.64 10.86 17.18
C ARG A 50 27.26 9.46 17.25
N ARG A 51 26.53 8.44 16.81
CA ARG A 51 26.88 7.00 17.02
C ARG A 51 28.27 6.69 16.50
N PRO A 52 28.99 5.74 17.13
CA PRO A 52 30.27 5.26 16.63
C PRO A 52 30.05 4.33 15.42
N ARG A 53 30.96 4.39 14.45
CA ARG A 53 30.92 3.56 13.21
C ARG A 53 32.24 2.82 13.04
N GLY A 54 32.19 1.66 12.39
CA GLY A 54 33.38 0.97 11.85
C GLY A 54 34.02 1.81 10.74
N PRO A 55 35.14 1.35 10.16
CA PRO A 55 35.79 2.07 9.05
C PRO A 55 34.91 2.09 7.80
N GLY A 56 34.06 1.06 7.64
CA GLY A 56 33.15 0.88 6.50
C GLY A 56 31.94 1.80 6.56
N GLY A 57 31.72 2.49 7.68
CA GLY A 57 30.58 3.41 7.89
C GLY A 57 29.40 2.72 8.56
N ARG A 58 29.51 1.42 8.81
CA ARG A 58 28.48 0.61 9.50
C ARG A 58 28.44 1.02 10.98
N PHE A 59 27.23 1.15 11.54
CA PHE A 59 27.01 1.32 13.00
C PHE A 59 27.50 0.07 13.72
N LEU A 60 27.83 0.18 15.01
CA LEU A 60 28.23 -0.98 15.86
C LEU A 60 27.80 -0.75 17.31
N THR A 61 27.96 -1.80 18.13
CA THR A 61 27.63 -1.85 19.58
C THR A 61 28.53 -0.87 20.34
N ALA A 62 28.10 -0.43 21.53
CA ALA A 62 28.87 0.45 22.44
C ALA A 62 30.17 -0.22 22.84
N MET B 1 -4.05 14.84 14.26
CA MET B 1 -3.66 14.29 12.93
C MET B 1 -2.32 14.88 12.50
N LYS B 2 -1.23 14.11 12.62
CA LYS B 2 0.12 14.48 12.13
C LYS B 2 0.13 14.36 10.61
N GLU B 3 1.11 14.96 9.93
CA GLU B 3 1.19 15.00 8.45
C GLU B 3 1.72 13.66 7.92
N GLN B 4 2.49 12.91 8.73
CA GLN B 4 3.03 11.58 8.35
C GLN B 4 2.00 10.46 8.60
N ASP B 5 0.84 10.79 9.18
CA ASP B 5 -0.28 9.83 9.42
C ASP B 5 -0.84 9.35 8.08
N ARG B 6 -0.63 10.11 7.00
CA ARG B 6 -1.12 9.83 5.63
C ARG B 6 -0.43 8.60 5.02
N TRP B 7 0.84 8.36 5.39
CA TRP B 7 1.71 7.31 4.78
C TRP B 7 1.97 6.19 5.79
N LEU B 8 2.14 4.95 5.31
CA LEU B 8 2.66 3.81 6.10
C LEU B 8 4.17 3.96 6.26
N PRO B 9 4.79 3.32 7.28
CA PRO B 9 6.24 3.41 7.47
C PRO B 9 7.02 2.76 6.32
N ILE B 10 8.04 3.47 5.82
CA ILE B 10 8.78 3.10 4.57
C ILE B 10 9.50 1.75 4.76
N ALA B 11 10.02 1.47 5.96
CA ALA B 11 10.80 0.24 6.27
C ALA B 11 9.92 -1.01 6.11
N ASN B 12 8.67 -0.95 6.57
CA ASN B 12 7.69 -2.07 6.48
C ASN B 12 7.34 -2.32 5.02
N VAL B 13 7.08 -1.26 4.25
CA VAL B 13 6.77 -1.33 2.79
C VAL B 13 7.99 -1.94 2.07
N ALA B 14 9.19 -1.45 2.38
CA ALA B 14 10.47 -1.85 1.74
C ALA B 14 10.77 -3.33 2.02
N ARG B 15 10.34 -3.86 3.18
CA ARG B 15 10.56 -5.28 3.55
C ARG B 15 9.67 -6.17 2.69
N ILE B 16 8.41 -5.81 2.51
CA ILE B 16 7.42 -6.57 1.69
C ILE B 16 7.93 -6.62 0.24
N MET B 17 8.43 -5.49 -0.28
CA MET B 17 9.03 -5.38 -1.64
C MET B 17 10.21 -6.34 -1.76
N LYS B 18 11.12 -6.32 -0.77
CA LYS B 18 12.33 -7.18 -0.71
C LYS B 18 11.93 -8.66 -0.82
N LEU B 19 10.87 -9.07 -0.11
CA LEU B 19 10.38 -10.48 -0.08
C LEU B 19 9.80 -10.87 -1.45
N ALA B 20 9.26 -9.90 -2.20
CA ALA B 20 8.58 -10.11 -3.49
C ALA B 20 9.61 -10.29 -4.63
N LEU B 21 10.86 -9.89 -4.41
CA LEU B 21 11.94 -9.89 -5.43
C LEU B 21 12.90 -11.05 -5.18
N PRO B 22 13.73 -11.44 -6.18
CA PRO B 22 14.78 -12.43 -5.96
C PRO B 22 15.86 -11.90 -5.01
N GLU B 23 16.51 -12.82 -4.27
CA GLU B 23 17.43 -12.51 -3.13
C GLU B 23 18.49 -11.48 -3.54
N ASN B 24 18.99 -11.53 -4.77
CA ASN B 24 20.12 -10.71 -5.27
C ASN B 24 19.66 -9.30 -5.64
N ALA B 25 18.34 -9.06 -5.73
CA ALA B 25 17.74 -7.82 -6.26
C ALA B 25 18.01 -6.63 -5.32
N LYS B 26 18.08 -5.43 -5.89
CA LYS B 26 18.19 -4.14 -5.15
C LYS B 26 16.98 -3.28 -5.47
N ILE B 27 16.63 -2.36 -4.56
CA ILE B 27 15.47 -1.44 -4.69
C ILE B 27 15.96 -0.01 -4.46
N ALA B 28 15.74 0.88 -5.44
CA ALA B 28 16.05 2.32 -5.37
C ALA B 28 15.22 2.97 -4.26
N LYS B 29 15.73 4.05 -3.66
CA LYS B 29 15.04 4.75 -2.54
C LYS B 29 13.77 5.42 -3.06
N GLU B 30 13.78 5.92 -4.29
CA GLU B 30 12.60 6.54 -4.96
C GLU B 30 11.51 5.48 -5.16
N ALA B 31 11.89 4.24 -5.49
CA ALA B 31 10.96 3.10 -5.70
C ALA B 31 10.28 2.75 -4.38
N LYS B 32 11.02 2.77 -3.27
CA LYS B 32 10.48 2.56 -1.89
C LYS B 32 9.47 3.66 -1.56
N GLU B 33 9.85 4.92 -1.81
CA GLU B 33 9.01 6.12 -1.55
C GLU B 33 7.76 6.08 -2.42
N CYS B 34 7.92 5.79 -3.72
CA CYS B 34 6.83 5.67 -4.72
C CYS B 34 5.82 4.62 -4.25
N MET B 35 6.30 3.45 -3.83
CA MET B 35 5.48 2.32 -3.34
C MET B 35 4.74 2.73 -2.08
N GLN B 36 5.44 3.38 -1.14
CA GLN B 36 4.87 3.93 0.13
C GLN B 36 3.70 4.85 -0.20
N GLU B 37 3.85 5.71 -1.21
CA GLU B 37 2.81 6.69 -1.63
C GLU B 37 1.64 5.95 -2.29
N CYS B 38 1.93 4.95 -3.13
CA CYS B 38 0.94 4.15 -3.90
C CYS B 38 0.04 3.37 -2.94
N VAL B 39 0.64 2.59 -2.03
CA VAL B 39 -0.09 1.68 -1.10
C VAL B 39 -0.91 2.53 -0.10
N SER B 40 -0.39 3.70 0.29
CA SER B 40 -1.09 4.65 1.19
C SER B 40 -2.35 5.19 0.50
N GLU B 41 -2.24 5.55 -0.78
CA GLU B 41 -3.39 6.05 -1.58
C GLU B 41 -4.40 4.91 -1.77
N PHE B 42 -3.91 3.69 -2.01
CA PHE B 42 -4.72 2.45 -2.11
C PHE B 42 -5.71 2.40 -0.94
N ILE B 43 -5.21 2.62 0.28
CA ILE B 43 -6.02 2.62 1.54
C ILE B 43 -7.01 3.79 1.47
N SER B 44 -6.53 5.01 1.21
CA SER B 44 -7.34 6.25 1.18
C SER B 44 -8.42 6.16 0.10
N PHE B 45 -8.04 5.72 -1.12
CA PHE B 45 -8.94 5.58 -2.29
C PHE B 45 -10.13 4.68 -1.93
N ILE B 46 -9.84 3.46 -1.46
CA ILE B 46 -10.87 2.43 -1.10
C ILE B 46 -11.69 2.94 0.10
N THR B 47 -11.02 3.48 1.13
CA THR B 47 -11.68 3.91 2.39
C THR B 47 -12.67 5.05 2.10
N SER B 48 -12.33 5.96 1.17
CA SER B 48 -13.19 7.08 0.74
C SER B 48 -14.51 6.54 0.17
N GLU B 49 -14.44 5.51 -0.69
CA GLU B 49 -15.61 4.85 -1.34
C GLU B 49 -16.50 4.22 -0.27
N ALA B 50 -15.91 3.44 0.65
CA ALA B 50 -16.62 2.78 1.78
C ALA B 50 -17.23 3.86 2.69
N SER B 51 -16.46 4.91 2.99
CA SER B 51 -16.84 6.04 3.87
C SER B 51 -18.13 6.70 3.38
N GLU B 52 -18.22 7.03 2.09
CA GLU B 52 -19.35 7.78 1.50
C GLU B 52 -20.61 6.90 1.52
N LYS B 53 -20.47 5.59 1.34
CA LYS B 53 -21.60 4.62 1.38
C LYS B 53 -22.18 4.57 2.80
N CYS B 54 -21.31 4.58 3.83
CA CYS B 54 -21.70 4.57 5.27
C CYS B 54 -22.46 5.85 5.61
N GLN B 55 -22.07 6.99 5.01
CA GLN B 55 -22.71 8.31 5.24
C GLN B 55 -24.15 8.30 4.71
N GLN B 56 -24.35 7.82 3.47
CA GLN B 56 -25.67 7.78 2.79
C GLN B 56 -26.61 6.82 3.52
N GLU B 57 -26.07 5.79 4.20
CA GLU B 57 -26.86 4.76 4.93
C GLU B 57 -26.93 5.11 6.43
N LYS B 58 -26.46 6.30 6.81
CA LYS B 58 -26.52 6.85 8.20
C LYS B 58 -25.85 5.88 9.19
N ARG B 59 -24.70 5.31 8.80
CA ARG B 59 -23.87 4.43 9.66
C ARG B 59 -22.56 5.15 9.98
N LYS B 60 -22.11 5.07 11.24
CA LYS B 60 -20.92 5.79 11.75
C LYS B 60 -19.67 4.92 11.58
N THR B 61 -19.80 3.59 11.69
CA THR B 61 -18.67 2.62 11.63
C THR B 61 -18.45 2.16 10.19
N VAL B 62 -17.24 2.38 9.66
CA VAL B 62 -16.73 1.73 8.41
C VAL B 62 -16.25 0.33 8.79
N ASN B 63 -17.01 -0.71 8.41
CA ASN B 63 -16.78 -2.11 8.85
C ASN B 63 -16.08 -2.89 7.73
N GLY B 64 -15.81 -4.18 7.96
CA GLY B 64 -15.04 -5.07 7.06
C GLY B 64 -15.69 -5.21 5.70
N GLU B 65 -17.00 -5.47 5.65
CA GLU B 65 -17.76 -5.74 4.40
C GLU B 65 -17.88 -4.46 3.57
N ASP B 66 -17.81 -3.29 4.21
CA ASP B 66 -17.81 -1.97 3.52
C ASP B 66 -16.54 -1.84 2.68
N ILE B 67 -15.41 -2.33 3.20
CA ILE B 67 -14.08 -2.32 2.50
C ILE B 67 -14.15 -3.27 1.29
N LEU B 68 -14.74 -4.46 1.46
CA LEU B 68 -14.84 -5.49 0.39
C LEU B 68 -15.78 -4.98 -0.71
N PHE B 69 -16.92 -4.41 -0.33
CA PHE B 69 -17.92 -3.83 -1.27
C PHE B 69 -17.24 -2.73 -2.10
N ALA B 70 -16.51 -1.82 -1.44
CA ALA B 70 -15.77 -0.70 -2.08
C ALA B 70 -14.75 -1.25 -3.08
N MET B 71 -14.00 -2.29 -2.68
CA MET B 71 -12.94 -2.92 -3.52
C MET B 71 -13.56 -3.48 -4.80
N THR B 72 -14.73 -4.12 -4.71
CA THR B 72 -15.49 -4.67 -5.87
C THR B 72 -15.96 -3.51 -6.77
N SER B 73 -16.59 -2.50 -6.17
CA SER B 73 -17.14 -1.30 -6.86
C SER B 73 -16.07 -0.60 -7.70
N LEU B 74 -14.83 -0.56 -7.20
CA LEU B 74 -13.69 0.23 -7.76
C LEU B 74 -12.80 -0.64 -8.65
N GLY B 75 -13.09 -1.93 -8.80
CA GLY B 75 -12.39 -2.84 -9.74
C GLY B 75 -11.18 -3.53 -9.11
N PHE B 76 -11.26 -3.86 -7.82
CA PHE B 76 -10.28 -4.72 -7.10
C PHE B 76 -10.97 -6.02 -6.69
N GLU B 77 -11.65 -6.67 -7.63
CA GLU B 77 -12.51 -7.87 -7.39
C GLU B 77 -11.64 -9.03 -6.88
N ASN B 78 -10.39 -9.14 -7.35
CA ASN B 78 -9.42 -10.17 -6.88
C ASN B 78 -9.13 -9.96 -5.40
N TYR B 79 -8.92 -8.71 -4.99
CA TYR B 79 -8.63 -8.31 -3.58
C TYR B 79 -9.89 -8.53 -2.73
N ALA B 80 -11.04 -8.05 -3.20
CA ALA B 80 -12.34 -8.14 -2.51
C ALA B 80 -12.67 -9.61 -2.22
N GLU B 81 -12.48 -10.49 -3.21
CA GLU B 81 -12.93 -11.90 -3.16
C GLU B 81 -11.92 -12.74 -2.37
N ALA B 82 -10.62 -12.44 -2.50
CA ALA B 82 -9.53 -13.09 -1.74
C ALA B 82 -9.65 -12.75 -0.25
N LEU B 83 -9.86 -11.46 0.07
CA LEU B 83 -9.95 -10.97 1.47
C LEU B 83 -11.27 -11.40 2.11
N LYS B 84 -12.27 -11.76 1.30
CA LYS B 84 -13.56 -12.32 1.79
C LYS B 84 -13.32 -13.71 2.38
N ILE B 85 -12.48 -14.53 1.71
CA ILE B 85 -12.03 -15.86 2.20
C ILE B 85 -11.26 -15.64 3.51
N TYR B 86 -10.30 -14.71 3.49
CA TYR B 86 -9.45 -14.33 4.66
C TYR B 86 -10.31 -13.91 5.83
N LEU B 87 -11.39 -13.15 5.57
CA LEU B 87 -12.29 -12.59 6.61
C LEU B 87 -13.06 -13.72 7.31
N SER B 88 -13.64 -14.64 6.54
CA SER B 88 -14.43 -15.80 7.04
C SER B 88 -13.57 -16.66 7.98
N LYS B 89 -12.26 -16.74 7.70
CA LYS B 89 -11.26 -17.47 8.53
C LYS B 89 -11.11 -16.75 9.88
N TYR B 90 -10.87 -15.43 9.83
CA TYR B 90 -10.68 -14.55 11.01
C TYR B 90 -11.89 -14.66 11.94
N ARG B 91 -13.10 -14.63 11.36
CA ARG B 91 -14.39 -14.69 12.10
C ARG B 91 -14.61 -16.10 12.67
N GLU B 92 -14.18 -17.13 11.91
CA GLU B 92 -14.32 -18.57 12.27
C GLU B 92 -13.76 -18.82 13.68
N GLY C 13 9.98 -21.06 -14.02
CA GLY C 13 9.98 -20.14 -12.85
C GLY C 13 10.49 -18.75 -13.20
N THR C 14 10.13 -18.22 -14.38
CA THR C 14 10.50 -16.87 -14.85
C THR C 14 9.60 -15.85 -14.15
N ALA C 15 9.97 -14.56 -14.21
CA ALA C 15 9.27 -13.45 -13.52
C ALA C 15 7.80 -13.39 -13.97
N ARG C 16 7.56 -13.48 -15.29
CA ARG C 16 6.20 -13.46 -15.89
C ARG C 16 5.40 -14.70 -15.46
N ASP C 17 6.07 -15.83 -15.24
CA ASP C 17 5.43 -17.13 -14.89
C ASP C 17 4.91 -17.07 -13.44
N ILE C 18 5.65 -16.46 -12.51
CA ILE C 18 5.25 -16.36 -11.07
C ILE C 18 4.10 -15.33 -10.95
N LEU C 19 4.08 -14.30 -11.80
CA LEU C 19 2.98 -13.28 -11.85
C LEU C 19 1.71 -13.95 -12.41
N THR C 20 1.85 -14.82 -13.41
CA THR C 20 0.73 -15.57 -14.06
C THR C 20 -0.01 -16.42 -13.01
N THR C 21 0.72 -17.09 -12.12
CA THR C 21 0.18 -18.02 -11.08
C THR C 21 -0.05 -17.28 -9.75
N TYR C 22 0.14 -15.97 -9.70
CA TYR C 22 0.20 -15.18 -8.44
C TYR C 22 -1.03 -15.47 -7.58
N TRP C 23 -2.23 -15.26 -8.12
CA TRP C 23 -3.51 -15.36 -7.38
C TRP C 23 -3.82 -16.81 -7.01
N GLN C 24 -3.36 -17.78 -7.82
CA GLN C 24 -3.43 -19.22 -7.48
C GLN C 24 -2.72 -19.46 -6.16
N HIS C 25 -1.51 -18.91 -6.00
CA HIS C 25 -0.66 -19.07 -4.79
C HIS C 25 -1.26 -18.31 -3.61
N ILE C 26 -1.72 -17.06 -3.82
CA ILE C 26 -2.40 -16.23 -2.79
C ILE C 26 -3.55 -17.05 -2.19
N ILE C 27 -4.40 -17.64 -3.04
CA ILE C 27 -5.61 -18.41 -2.62
C ILE C 27 -5.19 -19.69 -1.91
N ASN C 28 -4.14 -20.36 -2.40
CA ASN C 28 -3.57 -21.59 -1.77
C ASN C 28 -3.13 -21.26 -0.34
N HIS C 29 -2.32 -20.21 -0.18
CA HIS C 29 -1.75 -19.76 1.13
C HIS C 29 -2.89 -19.32 2.07
N LEU C 30 -3.90 -18.63 1.54
CA LEU C 30 -5.12 -18.25 2.29
C LEU C 30 -5.84 -19.49 2.80
N GLU C 31 -5.96 -20.52 1.95
CA GLU C 31 -6.76 -21.74 2.23
C GLU C 31 -5.99 -22.68 3.18
N SER C 32 -4.65 -22.67 3.15
CA SER C 32 -3.80 -23.66 3.87
C SER C 32 -3.13 -23.02 5.10
N ASP C 33 -2.11 -22.18 4.91
CA ASP C 33 -1.21 -21.71 6.02
C ASP C 33 -2.07 -21.07 7.12
N ASN C 34 -1.77 -21.41 8.38
CA ASN C 34 -2.54 -20.92 9.56
C ASN C 34 -2.07 -19.50 9.90
N HIS C 35 -2.96 -18.53 9.74
CA HIS C 35 -2.67 -17.07 9.83
C HIS C 35 -2.51 -16.64 11.29
N ASP C 36 -1.74 -15.58 11.50
CA ASP C 36 -1.64 -14.83 12.78
C ASP C 36 -2.32 -13.48 12.58
N TYR C 37 -3.46 -13.24 13.25
CA TYR C 37 -4.36 -12.08 13.04
C TYR C 37 -3.94 -10.90 13.92
N LYS C 38 -2.83 -11.04 14.65
CA LYS C 38 -2.17 -9.93 15.41
C LYS C 38 -0.91 -9.50 14.65
N ILE C 39 -0.03 -10.46 14.34
CA ILE C 39 1.27 -10.24 13.65
C ILE C 39 1.01 -9.97 12.16
N HIS C 40 1.47 -8.82 11.68
CA HIS C 40 1.40 -8.39 10.25
C HIS C 40 2.73 -7.74 9.84
N GLN C 41 2.97 -7.68 8.53
CA GLN C 41 4.12 -6.96 7.93
C GLN C 41 3.94 -5.44 8.13
N LEU C 42 2.67 -4.99 8.17
CA LEU C 42 2.30 -3.55 8.34
C LEU C 42 1.57 -3.36 9.66
N PRO C 43 1.86 -2.27 10.40
CA PRO C 43 1.23 -2.03 11.70
C PRO C 43 -0.23 -1.54 11.54
N LEU C 44 -1.15 -2.11 12.30
CA LEU C 44 -2.61 -1.86 12.20
C LEU C 44 -2.92 -0.41 12.60
N ALA C 45 -2.18 0.13 13.57
CA ALA C 45 -2.39 1.50 14.12
C ALA C 45 -2.14 2.56 13.04
N ARG C 46 -1.17 2.33 12.15
CA ARG C 46 -0.81 3.28 11.06
C ARG C 46 -1.85 3.19 9.94
N ILE C 47 -2.26 1.97 9.56
CA ILE C 47 -3.35 1.74 8.56
C ILE C 47 -4.59 2.53 9.00
N LYS C 48 -4.92 2.46 10.29
CA LYS C 48 -6.11 3.14 10.89
C LYS C 48 -5.92 4.66 10.84
N LYS C 49 -4.70 5.15 11.11
CA LYS C 49 -4.35 6.60 11.04
C LYS C 49 -4.54 7.12 9.62
N VAL C 50 -4.18 6.32 8.60
CA VAL C 50 -4.35 6.67 7.16
C VAL C 50 -5.85 6.81 6.86
N MET C 51 -6.66 5.87 7.37
CA MET C 51 -8.14 5.87 7.20
C MET C 51 -8.72 7.11 7.88
N LYS C 52 -8.22 7.45 9.08
CA LYS C 52 -8.72 8.59 9.91
C LYS C 52 -8.28 9.93 9.32
N ALA C 53 -7.29 9.94 8.42
CA ALA C 53 -6.80 11.14 7.70
C ALA C 53 -7.95 11.79 6.92
N ASP C 54 -8.93 10.98 6.48
CA ASP C 54 -10.14 11.45 5.76
C ASP C 54 -11.12 12.04 6.78
N PRO C 55 -11.48 13.34 6.67
CA PRO C 55 -12.45 13.96 7.58
C PRO C 55 -13.82 13.27 7.60
N GLU C 56 -14.27 12.70 6.47
CA GLU C 56 -15.60 12.03 6.33
C GLU C 56 -15.65 10.76 7.19
N VAL C 57 -14.51 10.07 7.35
CA VAL C 57 -14.43 8.80 8.15
C VAL C 57 -14.58 9.16 9.63
N LYS C 58 -15.46 8.43 10.33
CA LYS C 58 -15.78 8.65 11.77
C LYS C 58 -15.17 7.51 12.60
N MET C 59 -15.85 6.37 12.66
CA MET C 59 -15.45 5.18 13.45
C MET C 59 -15.01 4.07 12.48
N ILE C 60 -13.99 3.30 12.84
CA ILE C 60 -13.43 2.20 12.02
C ILE C 60 -13.51 0.90 12.83
N SER C 61 -14.02 -0.16 12.21
CA SER C 61 -14.09 -1.54 12.78
C SER C 61 -12.67 -2.10 12.93
N ALA C 62 -12.45 -2.96 13.93
CA ALA C 62 -11.17 -3.66 14.16
C ALA C 62 -10.81 -4.51 12.95
N GLU C 63 -11.82 -5.03 12.24
CA GLU C 63 -11.66 -5.93 11.07
C GLU C 63 -11.06 -5.17 9.88
N ALA C 64 -11.33 -3.87 9.74
CA ALA C 64 -11.03 -3.07 8.53
C ALA C 64 -9.52 -2.94 8.33
N PRO C 65 -8.73 -2.43 9.30
CA PRO C 65 -7.28 -2.37 9.14
C PRO C 65 -6.64 -3.75 8.96
N ILE C 66 -7.24 -4.80 9.55
CA ILE C 66 -6.76 -6.21 9.43
C ILE C 66 -6.89 -6.65 7.96
N LEU C 67 -8.01 -6.34 7.31
CA LEU C 67 -8.22 -6.63 5.86
C LEU C 67 -7.21 -5.85 5.02
N PHE C 68 -7.00 -4.57 5.35
CA PHE C 68 -6.05 -3.66 4.64
C PHE C 68 -4.61 -4.15 4.85
N ALA C 69 -4.29 -4.67 6.04
CA ALA C 69 -2.95 -5.23 6.37
C ALA C 69 -2.60 -6.33 5.37
N LYS C 70 -3.52 -7.24 5.10
CA LYS C 70 -3.36 -8.36 4.13
C LYS C 70 -3.50 -7.83 2.69
N GLY C 71 -4.49 -6.97 2.44
CA GLY C 71 -4.74 -6.36 1.13
C GLY C 71 -3.53 -5.60 0.62
N CYS C 72 -2.94 -4.74 1.46
CA CYS C 72 -1.77 -3.89 1.13
C CYS C 72 -0.53 -4.77 0.90
N ASP C 73 -0.37 -5.82 1.71
CA ASP C 73 0.70 -6.84 1.57
C ASP C 73 0.61 -7.45 0.16
N ILE C 74 -0.60 -7.88 -0.24
CA ILE C 74 -0.85 -8.46 -1.59
C ILE C 74 -0.58 -7.39 -2.65
N PHE C 75 -1.05 -6.15 -2.41
CA PHE C 75 -0.96 -5.02 -3.37
C PHE C 75 0.51 -4.68 -3.63
N ILE C 76 1.28 -4.44 -2.57
CA ILE C 76 2.73 -4.08 -2.68
C ILE C 76 3.45 -5.20 -3.45
N THR C 77 3.19 -6.46 -3.08
CA THR C 77 3.82 -7.67 -3.68
C THR C 77 3.49 -7.73 -5.19
N GLU C 78 2.20 -7.62 -5.55
CA GLU C 78 1.74 -7.69 -6.96
C GLU C 78 2.44 -6.61 -7.78
N LEU C 79 2.39 -5.36 -7.33
CA LEU C 79 2.96 -4.20 -8.07
C LEU C 79 4.49 -4.32 -8.15
N THR C 80 5.14 -4.77 -7.08
CA THR C 80 6.62 -4.98 -7.04
C THR C 80 7.02 -5.98 -8.13
N MET C 81 6.29 -7.11 -8.23
CA MET C 81 6.54 -8.18 -9.22
C MET C 81 6.30 -7.65 -10.63
N ARG C 82 5.27 -6.82 -10.83
CA ARG C 82 4.96 -6.16 -12.13
C ARG C 82 6.12 -5.24 -12.51
N ALA C 83 6.60 -4.42 -11.56
CA ALA C 83 7.70 -3.46 -11.75
C ALA C 83 9.01 -4.22 -12.04
N TRP C 84 9.23 -5.35 -11.36
CA TRP C 84 10.45 -6.18 -11.52
C TRP C 84 10.57 -6.70 -12.96
N ILE C 85 9.43 -7.04 -13.59
CA ILE C 85 9.38 -7.54 -14.99
C ILE C 85 10.01 -6.51 -15.92
N HIS C 86 9.68 -5.22 -15.74
N HIS C 86 9.68 -5.22 -15.75
CA HIS C 86 10.19 -4.08 -16.53
CA HIS C 86 10.21 -4.09 -16.55
C HIS C 86 11.70 -3.89 -16.29
C HIS C 86 11.72 -3.94 -16.30
N ALA C 87 12.17 -4.17 -15.06
CA ALA C 87 13.59 -4.09 -14.67
C ALA C 87 14.39 -5.19 -15.38
N GLU C 88 13.86 -6.42 -15.41
CA GLU C 88 14.49 -7.59 -16.09
C GLU C 88 14.65 -7.31 -17.58
N ASP C 89 13.64 -6.69 -18.21
CA ASP C 89 13.58 -6.43 -19.68
C ASP C 89 14.67 -5.42 -20.07
N ASN C 90 15.10 -4.55 -19.14
CA ASN C 90 16.20 -3.57 -19.35
C ASN C 90 17.51 -4.11 -18.74
N LYS C 91 17.51 -5.37 -18.30
CA LYS C 91 18.69 -6.11 -17.78
C LYS C 91 19.31 -5.37 -16.59
N ARG C 92 18.48 -4.69 -15.80
CA ARG C 92 18.87 -4.09 -14.50
C ARG C 92 18.42 -5.03 -13.38
N ARG C 93 19.19 -5.09 -12.29
CA ARG C 93 18.86 -5.88 -11.08
C ARG C 93 18.55 -4.92 -9.92
N THR C 94 18.42 -3.62 -10.23
CA THR C 94 17.97 -2.55 -9.29
C THR C 94 16.60 -2.04 -9.75
N LEU C 95 15.60 -2.15 -8.89
CA LEU C 95 14.21 -1.69 -9.16
C LEU C 95 14.15 -0.16 -9.04
N GLN C 96 13.75 0.53 -10.11
CA GLN C 96 13.67 2.02 -10.18
C GLN C 96 12.21 2.44 -10.02
N ARG C 97 11.99 3.75 -9.83
CA ARG C 97 10.64 4.38 -9.78
C ARG C 97 9.97 4.25 -11.14
N SER C 98 10.74 4.39 -12.23
CA SER C 98 10.26 4.33 -13.64
C SER C 98 9.75 2.92 -13.97
N ASP C 99 10.25 1.90 -13.28
CA ASP C 99 9.78 0.49 -13.42
C ASP C 99 8.36 0.37 -12.86
N ILE C 100 8.10 1.04 -11.73
CA ILE C 100 6.75 1.07 -11.08
C ILE C 100 5.81 1.86 -11.99
N ALA C 101 6.26 3.02 -12.48
CA ALA C 101 5.49 3.92 -13.38
C ALA C 101 5.09 3.16 -14.66
N ALA C 102 5.98 2.32 -15.18
CA ALA C 102 5.77 1.49 -16.39
C ALA C 102 4.72 0.40 -16.09
N ALA C 103 4.76 -0.19 -14.90
CA ALA C 103 3.85 -1.27 -14.45
C ALA C 103 2.42 -0.74 -14.32
N LEU C 104 2.24 0.48 -13.77
CA LEU C 104 0.91 1.11 -13.55
C LEU C 104 0.19 1.31 -14.89
N SER C 105 0.93 1.66 -15.94
CA SER C 105 0.40 2.01 -17.29
C SER C 105 -0.07 0.75 -18.04
N LYS C 106 0.27 -0.45 -17.55
CA LYS C 106 -0.03 -1.75 -18.23
C LYS C 106 -1.40 -2.30 -17.81
N SER C 107 -2.00 -1.76 -16.75
CA SER C 107 -3.34 -2.18 -16.24
C SER C 107 -4.13 -0.96 -15.76
N ASP C 108 -5.40 -0.84 -16.21
CA ASP C 108 -6.31 0.28 -15.87
C ASP C 108 -6.76 0.17 -14.41
N MET C 109 -6.44 -0.94 -13.74
CA MET C 109 -6.69 -1.16 -12.28
C MET C 109 -5.90 -0.14 -11.45
N PHE C 110 -4.82 0.44 -12.01
CA PHE C 110 -3.91 1.38 -11.32
C PHE C 110 -4.19 2.83 -11.70
N ASP C 111 -5.30 3.10 -12.42
CA ASP C 111 -5.64 4.46 -12.90
C ASP C 111 -5.83 5.41 -11.71
N PHE C 112 -6.18 4.89 -10.53
CA PHE C 112 -6.38 5.68 -9.29
C PHE C 112 -5.07 6.32 -8.82
N LEU C 113 -3.92 5.84 -9.31
CA LEU C 113 -2.57 6.35 -8.94
C LEU C 113 -2.07 7.38 -9.96
N ILE C 114 -2.92 7.84 -10.88
CA ILE C 114 -2.54 8.78 -11.97
C ILE C 114 -1.89 10.04 -11.38
N ASP C 115 -2.44 10.58 -10.28
CA ASP C 115 -1.97 11.84 -9.65
C ASP C 115 -0.77 11.57 -8.73
N ILE C 116 -0.65 10.35 -8.20
CA ILE C 116 0.42 9.94 -7.25
C ILE C 116 1.71 9.70 -8.04
N VAL C 117 1.61 9.03 -9.20
CA VAL C 117 2.76 8.72 -10.10
C VAL C 117 2.42 9.25 -11.50
N PRO C 118 2.66 10.56 -11.75
CA PRO C 118 2.34 11.20 -13.02
C PRO C 118 3.00 10.65 -14.29
N ARG C 119 2.77 11.33 -15.42
CA ARG C 119 3.27 11.02 -16.79
C ARG C 119 2.44 9.88 -17.39
#